data_7RU8
#
_entry.id   7RU8
#
_cell.length_a   1.00
_cell.length_b   1.00
_cell.length_c   1.00
_cell.angle_alpha   90.00
_cell.angle_beta   90.00
_cell.angle_gamma   90.00
#
_symmetry.space_group_name_H-M   'P 1'
#
loop_
_entity.id
_entity.type
_entity.pdbx_description
1 polymer 'CC6.30 Fab heavy chain Fv'
2 polymer 'CC6.30 Fab Kappa chain Fv'
3 polymer 'Spike glycoprotein'
4 branched 2-acetamido-2-deoxy-beta-D-glucopyranose-(1-4)-2-acetamido-2-deoxy-beta-D-glucopyranose
5 non-polymer 2-acetamido-2-deoxy-beta-D-glucopyranose
#
loop_
_entity_poly.entity_id
_entity_poly.type
_entity_poly.pdbx_seq_one_letter_code
_entity_poly.pdbx_strand_id
1 'polypeptide(L)'
;QVQLVQSGAEVKKPGSSVKVSCKASGGTFSIYAITWVRQAPGQGLEWMGGIIPIIGTANYAQKFQGRVTITADKSTSTAY
MELSSLRSEDTAVYYCARDFRYCSSTRCYFWFDPWGQGTLVTVSS
;
H
2 'polypeptide(L)'
;DIQMTQSPSSLSASVGDRVTITCRASQNISSYLNWYQQEAGKAPKLLIYAASSLQSGVPSRFSGSGSGTDFTLTISSLQP
EDFATYYCQQSYSTPRTFGQGTKVDIK
;
L
3 'polypeptide(L)'
;MFVFLVLLPLVSSQCVNLTTRTQLPPAYTNSFTRGVYYPDKVFRSSVLHSTQDLFLPFFSNVTWFHAIHVSGTNGTKRFD
NPVLPFNDGVYFASTEKSNIIRGWIFGTTLDSKTQSLLIVNNATNVVIKVCEFQFCNDPFLGVYYHKNNKSWMESEFRVY
SSANNCTFEYVSQPFLMDLEGKQGNFKNLREFVFKNIDGYFKIYSKHTPINLVRDLPQGFSALEPLVDLPIGINITRFQT
LLALHRSYLTPGDSSSGWTAGAAAYYVGYLQPRTFLLKYNENGTITDAVDCALDPLSETKCTLKSFTVEKGIYQTSNFRV
QPTESIVRFPNITNLCPFGEVFNATRFASVYAWNRKRISNCVADYSVLYNSASFSTFKCYGVSPTKLNDLCFTNVYADSF
VIRGDEVRQIAPGQTGKIADYNYKLPDDFTGCVIAWNSNNLDSKVGGNYNYLYRLFRKSNLKPFERDISTEIYQAGSTPC
NGVEGFNCYFPLQSYGFQPTNGVGYQPYRVVVLSFELLHAPATVCGPKKSTNLVKNKCVNFNFNGLTGTGVLTESNKKFL
PFQQFGRDIADTTDAVRDPQTLEILDITPCSFGGVSVITPGTNTSNQVAVLYQDVNCTEVPVAIHADQLTPTWRVYSTGS
NVFQTRAGCLIGAEHVNNSYECDIPIGAGICASYQTQTNSPGSASSVASQSIIAYTMSLGAENSCAYSNNSIAIPTNFTI
SVTTEILPVSMTKTSVDCTMYICGDSTECSNLLLQYGSFCTQLNRALTGIAVEQDKNTQEVFAQVKQIYKTPPIKDFGGF
NFSQILPDPSKPSKRSPIEDLLFNKVTLADAGFIKQYGDCLGDIAARDLICAQKFNGLTVLPPLLTDEMIAQYTSALLAG
TICSGWTFGAGPALQIPFPMQMAYRFNGIGVTQNVLYENQKLIANQFNSAIGKIQDSLSSTPSALGKLQDVVNQNAQALN
TLVKQLSSNFGAISSVLNDILSRLDPPEAEVQIDRLITGRLQSLQTYVTQQLIRAAEIRASANLAATKMSECVLGQSKRV
DFCGKGYHLMSFPQSAPHGVVFLHVTYVPAQEKNFTTAPAICHDGKAHFPREGVFVSNGTHWFVTQRNFYEPQIITTDNT
FVSGNCDVVIGIVNNTVYDPLQPELDSFKEELDKYFKNHTSPDVDLGDISGINASVVNIQKEIDRLNEVAKNLNESLIDL
QELGKYEQGSGYIPEAPRDGQAYVRKDGEWVLLSTFLGRSLEVLFQGPGSAWSHPQFEKGGGSGGGGSGGSAWSHPQFEK
;
C
#
# COMPACT_ATOMS: atom_id res chain seq x y z
N GLN A 1 1.54 -11.04 -0.36
CA GLN A 1 2.47 -12.00 0.24
C GLN A 1 3.76 -11.30 0.75
N VAL A 2 3.61 -10.08 1.34
CA VAL A 2 4.75 -9.30 1.83
C VAL A 2 5.16 -9.78 3.19
N GLN A 3 5.86 -10.88 3.18
CA GLN A 3 6.42 -11.42 4.38
C GLN A 3 7.61 -10.57 4.74
N LEU A 4 7.69 -10.16 5.99
CA LEU A 4 8.86 -9.42 6.39
C LEU A 4 9.77 -10.31 7.20
N VAL A 5 11.06 -10.20 6.94
CA VAL A 5 12.06 -10.95 7.69
C VAL A 5 13.02 -10.01 8.35
N GLN A 6 13.12 -10.07 9.67
CA GLN A 6 13.96 -9.10 10.35
C GLN A 6 15.04 -9.74 11.18
N SER A 7 16.05 -8.92 11.46
CA SER A 7 17.24 -9.33 12.22
C SER A 7 16.98 -9.68 13.68
N GLY A 8 17.96 -10.38 14.26
CA GLY A 8 17.87 -10.83 15.64
C GLY A 8 18.35 -9.79 16.64
N ALA A 9 18.49 -10.24 17.88
CA ALA A 9 18.83 -9.36 18.98
C ALA A 9 20.21 -8.74 18.89
N GLU A 10 20.31 -7.56 19.49
CA GLU A 10 21.56 -6.80 19.56
C GLU A 10 21.79 -6.28 20.98
N VAL A 11 23.07 -6.14 21.35
CA VAL A 11 23.47 -5.71 22.69
C VAL A 11 24.43 -4.52 22.81
N LYS A 12 24.55 -3.67 21.81
CA LYS A 12 25.48 -2.55 21.92
C LYS A 12 25.07 -1.64 23.07
N LYS A 13 26.03 -1.28 23.92
CA LYS A 13 25.81 -0.46 25.11
C LYS A 13 25.50 1.01 24.85
N PRO A 14 24.92 1.73 25.85
CA PRO A 14 24.57 3.12 25.77
C PRO A 14 25.76 3.93 25.31
N GLY A 15 25.44 4.92 24.51
CA GLY A 15 26.42 5.81 23.90
C GLY A 15 26.78 5.46 22.44
N SER A 16 26.45 4.25 22.00
CA SER A 16 26.72 3.84 20.62
C SER A 16 25.43 3.89 19.79
N SER A 17 25.29 3.02 18.78
CA SER A 17 24.05 3.00 17.97
C SER A 17 23.68 1.58 17.56
N VAL A 18 22.39 1.38 17.32
CA VAL A 18 21.87 0.10 16.83
C VAL A 18 21.06 0.21 15.56
N LYS A 19 21.49 -0.52 14.56
CA LYS A 19 20.81 -0.54 13.30
C LYS A 19 20.12 -1.88 13.11
N VAL A 20 18.85 -1.82 12.75
CA VAL A 20 18.03 -2.98 12.51
C VAL A 20 17.37 -2.88 11.15
N SER A 21 16.92 -4.01 10.62
CA SER A 21 16.25 -3.97 9.35
C SER A 21 15.26 -5.13 9.17
N CYS A 22 14.31 -4.97 8.20
CA CYS A 22 13.32 -5.97 7.79
C CYS A 22 13.30 -6.08 6.26
N LYS A 23 13.52 -7.28 5.74
CA LYS A 23 13.48 -7.44 4.29
C LYS A 23 12.08 -7.81 3.86
N ALA A 24 11.58 -7.14 2.83
CA ALA A 24 10.24 -7.42 2.35
C ALA A 24 10.18 -8.24 1.08
N SER A 25 9.20 -9.14 1.05
CA SER A 25 8.85 -9.92 -0.12
C SER A 25 7.57 -9.37 -0.71
N GLY A 26 6.81 -10.20 -1.42
CA GLY A 26 5.59 -9.73 -2.06
C GLY A 26 5.94 -8.67 -3.11
N GLY A 27 5.36 -7.48 -3.00
CA GLY A 27 5.63 -6.44 -3.97
C GLY A 27 5.10 -5.09 -3.53
N THR A 28 5.03 -4.14 -4.47
CA THR A 28 4.66 -2.76 -4.17
C THR A 28 5.55 -2.21 -3.05
N PHE A 29 6.84 -2.46 -3.10
CA PHE A 29 7.73 -1.98 -2.06
C PHE A 29 7.67 -0.48 -1.89
N SER A 30 7.66 0.25 -2.99
CA SER A 30 7.72 1.70 -2.97
C SER A 30 6.53 2.45 -2.36
N ILE A 31 5.34 1.85 -2.24
CA ILE A 31 4.26 2.64 -1.68
C ILE A 31 3.75 2.00 -0.40
N TYR A 32 2.63 2.52 0.10
CA TYR A 32 2.12 2.14 1.40
C TYR A 32 3.22 2.63 2.27
N ALA A 33 3.53 1.99 3.37
CA ALA A 33 4.61 2.58 4.14
C ALA A 33 5.27 1.58 5.02
N ILE A 34 6.51 1.82 5.29
CA ILE A 34 7.22 1.05 6.23
C ILE A 34 7.15 1.75 7.51
N THR A 35 6.61 1.11 8.51
CA THR A 35 6.54 1.80 9.77
C THR A 35 7.21 0.97 10.78
N TRP A 36 7.71 1.65 11.78
CA TRP A 36 8.29 1.00 12.90
C TRP A 36 7.56 1.40 14.15
N VAL A 37 7.37 0.41 14.98
CA VAL A 37 6.76 0.59 16.27
C VAL A 37 7.67 -0.10 17.26
N ARG A 38 7.56 0.22 18.51
CA ARG A 38 8.33 -0.47 19.51
C ARG A 38 7.52 -0.70 20.74
N GLN A 39 7.87 -1.72 21.48
CA GLN A 39 7.26 -1.83 22.79
C GLN A 39 8.31 -2.33 23.77
N ALA A 40 8.26 -1.77 24.93
CA ALA A 40 9.12 -2.15 26.03
C ALA A 40 8.63 -3.49 26.49
N PRO A 41 9.39 -4.27 27.25
CA PRO A 41 8.81 -5.42 27.88
C PRO A 41 7.64 -4.77 28.62
N GLY A 42 6.44 -5.29 28.46
CA GLY A 42 5.25 -4.64 29.01
C GLY A 42 4.75 -3.84 27.81
N GLN A 43 3.56 -4.13 27.28
CA GLN A 43 3.19 -3.60 25.96
C GLN A 43 2.77 -2.13 25.84
N GLY A 44 3.70 -1.25 26.15
CA GLY A 44 3.59 0.19 26.02
C GLY A 44 3.95 0.50 24.58
N LEU A 45 3.17 -0.04 23.68
CA LEU A 45 3.41 0.04 22.26
C LEU A 45 3.21 1.43 21.72
N GLU A 46 4.19 1.89 20.95
CA GLU A 46 4.13 3.20 20.34
C GLU A 46 4.73 3.23 18.96
N TRP A 47 4.25 4.17 18.14
CA TRP A 47 4.75 4.39 16.80
C TRP A 47 5.98 5.25 16.88
N MET A 48 7.02 4.87 16.15
CA MET A 48 8.23 5.65 16.18
C MET A 48 8.30 6.55 14.98
N GLY A 49 7.86 6.02 13.87
CA GLY A 49 7.95 6.71 12.61
C GLY A 49 7.82 5.74 11.45
N GLY A 50 7.91 6.27 10.25
CA GLY A 50 7.84 5.44 9.07
C GLY A 50 8.18 6.19 7.80
N ILE A 51 8.22 5.46 6.69
CA ILE A 51 8.60 6.02 5.41
C ILE A 51 7.88 5.41 4.22
N ILE A 52 7.61 6.23 3.23
CA ILE A 52 7.06 5.75 1.99
C ILE A 52 8.22 5.86 1.04
N PRO A 53 8.89 4.78 0.63
CA PRO A 53 10.12 4.82 -0.14
C PRO A 53 10.01 5.60 -1.46
N ILE A 54 8.83 5.64 -2.08
CA ILE A 54 8.70 6.36 -3.35
C ILE A 54 8.90 7.86 -3.16
N ILE A 55 8.67 8.35 -1.93
CA ILE A 55 8.84 9.75 -1.60
C ILE A 55 10.21 9.89 -0.95
N GLY A 56 10.47 9.03 0.02
CA GLY A 56 11.74 8.95 0.70
C GLY A 56 12.03 9.96 1.84
N THR A 57 11.02 10.65 2.40
CA THR A 57 11.36 11.65 3.44
C THR A 57 11.02 11.25 4.87
N ALA A 58 10.13 10.29 5.02
CA ALA A 58 9.65 9.80 6.31
C ALA A 58 8.86 10.84 7.11
N ASN A 59 8.28 10.33 8.19
CA ASN A 59 7.46 11.05 9.17
C ASN A 59 7.75 10.41 10.53
N TYR A 60 8.15 11.23 11.51
CA TYR A 60 8.56 10.70 12.81
C TYR A 60 7.78 11.22 13.98
N ALA A 61 7.67 10.38 15.02
CA ALA A 61 7.08 10.78 16.28
C ALA A 61 8.05 11.67 17.00
N GLN A 62 7.52 12.61 17.78
CA GLN A 62 8.28 13.62 18.54
C GLN A 62 9.23 13.05 19.58
N LYS A 63 9.04 11.80 19.92
CA LYS A 63 9.89 11.13 20.89
C LYS A 63 11.22 10.68 20.29
N PHE A 64 11.25 10.52 18.96
CA PHE A 64 12.42 10.00 18.28
C PHE A 64 13.00 10.96 17.24
N GLN A 65 12.52 12.20 17.23
CA GLN A 65 13.05 13.12 16.25
C GLN A 65 14.45 13.51 16.67
N GLY A 66 15.39 13.33 15.77
CA GLY A 66 16.80 13.61 16.05
C GLY A 66 17.51 12.41 16.70
N ARG A 67 16.77 11.33 16.97
CA ARG A 67 17.35 10.16 17.61
C ARG A 67 17.32 8.96 16.68
N VAL A 68 16.23 8.83 15.94
CA VAL A 68 16.05 7.66 15.09
C VAL A 68 15.90 7.98 13.63
N THR A 69 16.71 7.33 12.82
CA THR A 69 16.61 7.50 11.39
C THR A 69 15.92 6.33 10.75
N ILE A 70 14.86 6.60 10.00
CA ILE A 70 14.13 5.57 9.29
C ILE A 70 14.28 5.78 7.81
N THR A 71 14.74 4.74 7.14
CA THR A 71 14.94 4.83 5.72
C THR A 71 14.57 3.53 5.04
N ALA A 72 14.78 3.48 3.73
CA ALA A 72 14.46 2.28 2.98
C ALA A 72 15.34 2.15 1.75
N ASP A 73 15.60 0.91 1.36
CA ASP A 73 16.36 0.62 0.15
C ASP A 73 15.54 -0.14 -0.86
N LYS A 74 15.19 0.56 -1.93
CA LYS A 74 14.34 0.08 -3.00
C LYS A 74 14.92 -1.10 -3.75
N SER A 75 16.26 -1.15 -3.90
CA SER A 75 16.89 -2.23 -4.65
C SER A 75 17.06 -3.45 -3.77
N THR A 76 17.11 -3.21 -2.47
CA THR A 76 17.28 -4.28 -1.50
C THR A 76 15.91 -4.66 -0.94
N SER A 77 14.89 -3.82 -1.19
CA SER A 77 13.53 -4.01 -0.71
C SER A 77 13.54 -4.21 0.78
N THR A 78 14.34 -3.39 1.44
CA THR A 78 14.52 -3.49 2.87
C THR A 78 14.29 -2.22 3.66
N ALA A 79 13.61 -2.42 4.79
CA ALA A 79 13.33 -1.40 5.78
C ALA A 79 14.50 -1.23 6.69
N TYR A 80 14.89 0.00 6.97
CA TYR A 80 15.99 0.20 7.92
C TYR A 80 15.67 1.21 8.99
N MET A 81 16.20 0.96 10.18
CA MET A 81 16.10 1.93 11.22
C MET A 81 17.33 1.94 12.08
N GLU A 82 17.80 3.13 12.44
CA GLU A 82 18.92 3.20 13.35
C GLU A 82 18.73 4.19 14.48
N LEU A 83 18.94 3.70 15.69
CA LEU A 83 18.84 4.53 16.88
C LEU A 83 20.21 4.93 17.34
N SER A 84 20.43 6.23 17.38
CA SER A 84 21.71 6.80 17.78
C SER A 84 21.66 7.17 19.24
N SER A 85 22.83 7.35 19.84
CA SER A 85 22.87 7.81 21.23
C SER A 85 22.00 6.94 22.12
N LEU A 86 22.30 5.66 22.11
CA LEU A 86 21.54 4.64 22.83
C LEU A 86 21.49 4.89 24.32
N ARG A 87 20.33 4.59 24.93
CA ARG A 87 20.10 4.71 26.37
C ARG A 87 19.50 3.41 26.92
N SER A 88 19.66 3.11 28.22
CA SER A 88 19.11 1.87 28.77
C SER A 88 17.58 1.78 28.74
N GLU A 89 16.92 2.93 28.76
CA GLU A 89 15.46 2.97 28.71
C GLU A 89 14.93 2.63 27.33
N ASP A 90 15.82 2.50 26.35
CA ASP A 90 15.41 2.23 25.00
C ASP A 90 15.20 0.74 24.79
N THR A 91 15.43 -0.07 25.82
CA THR A 91 15.24 -1.49 25.65
C THR A 91 13.81 -1.74 25.20
N ALA A 92 13.69 -2.46 24.10
CA ALA A 92 12.39 -2.77 23.51
C ALA A 92 12.52 -3.77 22.40
N VAL A 93 11.39 -4.30 22.02
CA VAL A 93 11.36 -5.10 20.83
C VAL A 93 10.83 -4.20 19.72
N TYR A 94 11.58 -4.12 18.65
CA TYR A 94 11.23 -3.26 17.54
C TYR A 94 10.57 -4.07 16.43
N TYR A 95 9.52 -3.51 15.84
CA TYR A 95 8.79 -4.25 14.81
C TYR A 95 8.59 -3.42 13.54
N CYS A 96 8.46 -4.12 12.39
CA CYS A 96 8.09 -3.57 11.09
C CYS A 96 6.70 -4.04 10.71
N ALA A 97 6.02 -3.18 9.98
CA ALA A 97 4.75 -3.48 9.36
C ALA A 97 4.60 -2.57 8.13
N ARG A 98 3.71 -2.92 7.18
CA ARG A 98 3.56 -2.15 5.93
C ARG A 98 2.46 -1.09 5.73
N ASP A 99 1.66 -0.77 6.73
CA ASP A 99 0.64 0.26 6.52
C ASP A 99 -0.21 0.02 5.30
N PHE A 100 -0.67 -1.20 5.16
CA PHE A 100 -1.47 -1.54 4.02
C PHE A 100 -2.76 -0.78 4.04
N ARG A 101 -3.20 -0.31 2.89
CA ARG A 101 -4.47 0.33 2.86
C ARG A 101 -5.33 -0.20 1.76
N TYR A 102 -6.61 -0.16 2.02
CA TYR A 102 -7.62 -0.49 1.05
C TYR A 102 -8.32 0.78 0.69
N CYS A 103 -8.52 1.05 -0.62
CA CYS A 103 -9.17 2.26 -1.10
C CYS A 103 -10.39 1.94 -1.93
N SER A 104 -11.41 2.76 -1.74
CA SER A 104 -12.65 2.70 -2.49
C SER A 104 -13.24 4.09 -2.52
N SER A 105 -13.82 4.48 -3.64
CA SER A 105 -14.41 5.81 -3.73
C SER A 105 -13.38 6.86 -3.41
N THR A 106 -13.65 7.66 -2.39
CA THR A 106 -12.79 8.76 -1.97
C THR A 106 -12.13 8.55 -0.61
N ARG A 107 -12.21 7.34 -0.06
CA ARG A 107 -11.63 7.06 1.25
C ARG A 107 -10.80 5.76 1.30
N CYS A 108 -9.71 5.77 2.11
CA CYS A 108 -8.81 4.62 2.31
C CYS A 108 -8.67 4.35 3.80
N TYR A 109 -8.59 3.07 4.12
CA TYR A 109 -8.44 2.69 5.51
C TYR A 109 -7.17 1.90 5.70
N PHE A 110 -6.50 2.18 6.82
CA PHE A 110 -5.17 1.67 7.06
C PHE A 110 -5.04 0.75 8.23
N TRP A 111 -4.32 -0.34 8.02
CA TRP A 111 -4.04 -1.31 9.06
C TRP A 111 -2.76 -2.07 8.82
N PHE A 112 -2.28 -2.76 9.82
CA PHE A 112 -1.07 -3.50 9.63
C PHE A 112 -1.23 -5.01 9.61
N ASP A 113 -1.07 -5.61 8.43
CA ASP A 113 -1.16 -7.06 8.35
C ASP A 113 0.19 -7.77 8.40
N PRO A 114 1.20 -7.36 7.61
CA PRO A 114 2.47 -8.02 7.46
C PRO A 114 3.42 -7.69 8.57
N TRP A 115 3.12 -8.15 9.75
CA TRP A 115 3.99 -7.87 10.88
C TRP A 115 5.21 -8.74 10.82
N GLY A 116 6.34 -8.18 11.23
CA GLY A 116 7.59 -8.91 11.30
C GLY A 116 7.64 -9.76 12.57
N GLN A 117 8.83 -10.13 13.00
CA GLN A 117 8.94 -11.04 14.15
C GLN A 117 9.16 -10.32 15.47
N GLY A 118 9.85 -9.20 15.38
CA GLY A 118 10.29 -8.39 16.51
C GLY A 118 11.79 -8.56 16.76
N THR A 119 12.51 -7.45 16.81
CA THR A 119 13.94 -7.47 17.05
C THR A 119 14.21 -6.96 18.44
N LEU A 120 14.82 -7.78 19.28
CA LEU A 120 15.05 -7.34 20.64
C LEU A 120 16.38 -6.64 20.85
N VAL A 121 16.31 -5.41 21.32
CA VAL A 121 17.54 -4.69 21.57
C VAL A 121 17.61 -4.37 23.04
N THR A 122 18.71 -4.82 23.66
CA THR A 122 18.94 -4.66 25.10
C THR A 122 20.31 -4.03 25.32
N VAL A 123 20.39 -2.71 25.28
CA VAL A 123 21.70 -2.07 25.36
C VAL A 123 22.35 -2.19 26.76
N SER A 124 21.53 -2.15 27.85
CA SER A 124 21.96 -2.24 29.26
C SER A 124 23.24 -1.43 29.56
N ASP B 1 -2.27 14.99 19.53
CA ASP B 1 -2.39 13.59 19.12
C ASP B 1 -3.80 13.07 19.51
N ILE B 2 -4.09 11.80 19.15
CA ILE B 2 -5.37 11.13 19.43
C ILE B 2 -5.24 10.31 20.70
N GLN B 3 -6.15 10.50 21.63
CA GLN B 3 -6.10 9.71 22.84
C GLN B 3 -7.03 8.53 22.68
N MET B 4 -6.43 7.35 22.69
CA MET B 4 -7.12 6.08 22.52
C MET B 4 -7.38 5.43 23.86
N THR B 5 -8.63 5.39 24.29
CA THR B 5 -8.94 4.84 25.60
C THR B 5 -9.48 3.44 25.48
N GLN B 6 -8.78 2.50 26.08
CA GLN B 6 -9.24 1.12 26.02
C GLN B 6 -9.51 0.55 27.38
N SER B 7 -10.70 -0.01 27.55
CA SER B 7 -11.07 -0.56 28.84
C SER B 7 -12.18 -1.61 28.65
N PRO B 8 -12.41 -2.51 29.62
CA PRO B 8 -11.77 -2.77 30.91
C PRO B 8 -10.35 -3.20 30.67
N SER B 9 -9.49 -2.98 31.66
CA SER B 9 -8.10 -3.39 31.57
C SER B 9 -7.93 -4.87 31.85
N SER B 10 -8.97 -5.47 32.41
CA SER B 10 -8.95 -6.87 32.75
C SER B 10 -10.31 -7.51 32.51
N LEU B 11 -10.33 -8.54 31.67
CA LEU B 11 -11.56 -9.22 31.35
C LEU B 11 -11.48 -10.72 31.51
N SER B 12 -11.67 -11.23 32.71
CA SER B 12 -11.58 -12.68 32.81
C SER B 12 -12.83 -13.25 32.19
N ALA B 13 -12.74 -14.48 31.70
CA ALA B 13 -13.92 -15.16 31.17
C ALA B 13 -13.65 -16.64 31.09
N SER B 14 -14.70 -17.44 31.06
CA SER B 14 -14.54 -18.86 30.87
C SER B 14 -14.57 -19.21 29.39
N VAL B 15 -14.16 -20.42 29.06
CA VAL B 15 -14.25 -20.82 27.69
C VAL B 15 -15.71 -20.99 27.38
N GLY B 16 -16.12 -20.39 26.29
CA GLY B 16 -17.49 -20.37 25.86
C GLY B 16 -18.21 -19.08 26.27
N ASP B 17 -17.58 -18.24 27.10
CA ASP B 17 -18.23 -17.01 27.49
C ASP B 17 -18.07 -15.89 26.49
N ARG B 18 -18.69 -14.77 26.82
CA ARG B 18 -18.63 -13.58 25.99
C ARG B 18 -17.72 -12.57 26.64
N VAL B 19 -16.98 -11.86 25.81
CA VAL B 19 -16.08 -10.83 26.28
C VAL B 19 -16.39 -9.51 25.60
N THR B 20 -16.57 -8.44 26.37
CA THR B 20 -16.86 -7.15 25.75
C THR B 20 -15.79 -6.12 26.07
N ILE B 21 -15.16 -5.56 25.04
CA ILE B 21 -14.08 -4.57 25.20
C ILE B 21 -14.42 -3.23 24.54
N THR B 22 -14.25 -2.14 25.28
CA THR B 22 -14.55 -0.79 24.79
C THR B 22 -13.29 -0.03 24.32
N CYS B 23 -13.35 0.58 23.10
CA CYS B 23 -12.29 1.41 22.52
C CYS B 23 -12.86 2.73 22.01
N ARG B 24 -12.66 3.75 22.83
CA ARG B 24 -13.26 5.04 22.58
C ARG B 24 -12.18 6.10 22.44
N ALA B 25 -12.31 6.93 21.43
CA ALA B 25 -11.33 7.97 21.23
C ALA B 25 -11.89 9.28 21.73
N SER B 26 -11.00 10.16 22.14
CA SER B 26 -11.42 11.51 22.53
C SER B 26 -11.86 12.32 21.32
N GLN B 27 -11.45 11.87 20.14
CA GLN B 27 -11.75 12.52 18.87
C GLN B 27 -12.78 11.68 18.10
N ASN B 28 -13.58 12.35 17.24
CA ASN B 28 -14.57 11.71 16.37
C ASN B 28 -13.95 11.39 15.00
N ILE B 29 -13.54 10.12 14.85
CA ILE B 29 -12.87 9.53 13.70
C ILE B 29 -13.81 8.48 13.16
N SER B 30 -14.33 8.67 11.96
CA SER B 30 -15.41 7.84 11.54
C SER B 30 -15.21 6.34 11.39
N SER B 31 -14.05 5.87 10.91
CA SER B 31 -13.89 4.43 10.74
C SER B 31 -12.45 3.92 10.60
N TYR B 32 -11.54 4.45 11.39
CA TYR B 32 -10.12 4.06 11.29
C TYR B 32 -9.62 3.17 12.43
N LEU B 33 -10.53 2.64 13.25
CA LEU B 33 -10.10 1.81 14.37
C LEU B 33 -9.81 0.37 14.01
N ASN B 34 -8.64 -0.09 14.41
CA ASN B 34 -8.25 -1.47 14.19
C ASN B 34 -8.00 -2.21 15.50
N TRP B 35 -8.33 -3.51 15.52
CA TRP B 35 -8.07 -4.35 16.68
C TRP B 35 -7.04 -5.40 16.39
N TYR B 36 -6.13 -5.55 17.33
CA TYR B 36 -5.05 -6.52 17.24
C TYR B 36 -5.02 -7.47 18.43
N GLN B 37 -4.53 -8.68 18.17
CA GLN B 37 -4.33 -9.71 19.18
C GLN B 37 -2.84 -10.00 19.30
N GLN B 38 -2.32 -10.09 20.51
CA GLN B 38 -0.91 -10.40 20.66
C GLN B 38 -0.69 -11.61 21.57
N GLU B 39 -0.16 -12.66 20.96
CA GLU B 39 0.11 -13.91 21.64
C GLU B 39 1.47 -13.80 22.30
N ALA B 40 1.68 -14.57 23.36
CA ALA B 40 2.96 -14.47 24.04
C ALA B 40 4.12 -14.81 23.13
N GLY B 41 5.13 -13.95 23.15
CA GLY B 41 6.33 -14.17 22.40
C GLY B 41 6.22 -13.80 20.93
N LYS B 42 5.09 -13.23 20.50
CA LYS B 42 4.92 -12.95 19.09
C LYS B 42 4.59 -11.51 18.75
N ALA B 43 4.91 -11.13 17.52
CA ALA B 43 4.50 -9.85 16.99
C ALA B 43 2.98 -9.88 16.94
N PRO B 44 2.28 -8.76 17.08
CA PRO B 44 0.85 -8.66 17.05
C PRO B 44 0.30 -8.95 15.66
N LYS B 45 -0.95 -9.40 15.62
CA LYS B 45 -1.64 -9.63 14.36
C LYS B 45 -3.00 -8.97 14.34
N LEU B 46 -3.44 -8.58 13.16
CA LEU B 46 -4.73 -7.94 13.00
C LEU B 46 -5.90 -8.88 13.03
N LEU B 47 -6.94 -8.48 13.76
CA LEU B 47 -8.19 -9.20 13.77
C LEU B 47 -9.21 -8.47 12.92
N ILE B 48 -9.48 -7.21 13.33
CA ILE B 48 -10.52 -6.36 12.76
C ILE B 48 -10.01 -5.02 12.26
N TYR B 49 -10.43 -4.64 11.06
CA TYR B 49 -10.02 -3.37 10.52
C TYR B 49 -11.13 -2.48 10.03
N ALA B 50 -10.80 -1.19 10.01
CA ALA B 50 -11.72 -0.17 9.55
C ALA B 50 -13.04 -0.32 10.29
N ALA B 51 -12.93 -0.44 11.61
CA ALA B 51 -14.00 -0.63 12.56
C ALA B 51 -14.61 -2.03 12.57
N SER B 52 -15.04 -2.59 11.45
CA SER B 52 -15.72 -3.89 11.55
C SER B 52 -15.37 -5.06 10.61
N SER B 53 -14.38 -4.99 9.75
CA SER B 53 -14.14 -6.13 8.86
C SER B 53 -13.08 -7.08 9.40
N LEU B 54 -13.24 -8.37 9.16
CA LEU B 54 -12.18 -9.29 9.59
C LEU B 54 -11.15 -9.55 8.54
N GLN B 55 -9.91 -9.67 9.00
CA GLN B 55 -8.79 -9.99 8.12
C GLN B 55 -8.17 -11.36 8.33
N SER B 56 -8.16 -11.82 9.58
CA SER B 56 -7.41 -13.03 9.96
C SER B 56 -7.98 -14.36 9.49
N GLY B 57 -9.24 -14.39 9.11
CA GLY B 57 -9.86 -15.65 8.72
C GLY B 57 -10.42 -16.39 9.93
N VAL B 58 -10.34 -15.77 11.10
CA VAL B 58 -10.82 -16.36 12.33
C VAL B 58 -12.31 -16.66 12.12
N PRO B 59 -12.81 -17.84 12.54
CA PRO B 59 -14.18 -18.28 12.33
C PRO B 59 -15.20 -17.60 13.21
N SER B 60 -15.38 -16.32 12.95
CA SER B 60 -16.32 -15.45 13.62
C SER B 60 -16.22 -15.46 15.13
N ARG B 61 -15.00 -15.43 15.65
CA ARG B 61 -14.81 -15.36 17.08
C ARG B 61 -14.83 -13.91 17.48
N PHE B 62 -14.43 -13.04 16.56
CA PHE B 62 -14.39 -11.63 16.86
C PHE B 62 -15.29 -10.88 15.91
N SER B 63 -15.97 -9.90 16.44
CA SER B 63 -16.82 -9.00 15.66
C SER B 63 -17.04 -7.72 16.45
N GLY B 64 -17.58 -6.67 15.84
CA GLY B 64 -17.86 -5.48 16.63
C GLY B 64 -18.57 -4.40 15.83
N SER B 65 -18.90 -3.32 16.51
CA SER B 65 -19.60 -2.21 15.87
C SER B 65 -19.45 -0.87 16.58
N GLY B 66 -19.80 0.19 15.87
CA GLY B 66 -19.74 1.54 16.39
C GLY B 66 -19.06 2.43 15.37
N SER B 67 -19.09 3.74 15.61
CA SER B 67 -18.50 4.70 14.69
C SER B 67 -18.15 6.05 15.34
N GLY B 68 -17.33 6.83 14.63
CA GLY B 68 -16.95 8.15 15.11
C GLY B 68 -16.14 8.00 16.38
N THR B 69 -16.54 8.69 17.43
CA THR B 69 -15.76 8.55 18.66
C THR B 69 -15.80 7.15 19.31
N ASP B 70 -16.88 6.36 19.15
CA ASP B 70 -16.88 5.12 19.92
C ASP B 70 -16.69 3.83 19.14
N PHE B 71 -16.64 2.71 19.89
CA PHE B 71 -16.58 1.35 19.32
C PHE B 71 -16.61 0.21 20.37
N THR B 72 -17.32 -0.87 20.08
CA THR B 72 -17.29 -2.06 20.94
C THR B 72 -16.89 -3.36 20.23
N LEU B 73 -15.95 -4.09 20.82
CA LEU B 73 -15.53 -5.40 20.33
C LEU B 73 -16.16 -6.48 21.16
N THR B 74 -16.65 -7.50 20.50
CA THR B 74 -17.16 -8.62 21.24
C THR B 74 -16.50 -9.93 20.82
N ILE B 75 -16.30 -10.81 21.80
CA ILE B 75 -15.85 -12.14 21.49
C ILE B 75 -17.09 -12.97 21.63
N SER B 76 -17.45 -13.63 20.53
CA SER B 76 -18.69 -14.39 20.36
C SER B 76 -18.80 -15.68 21.18
N SER B 77 -17.67 -16.29 21.44
CA SER B 77 -17.56 -17.50 22.24
C SER B 77 -16.09 -17.75 22.42
N LEU B 78 -15.55 -17.36 23.56
CA LEU B 78 -14.12 -17.40 23.83
C LEU B 78 -13.49 -18.78 23.80
N GLN B 79 -12.39 -18.94 23.06
CA GLN B 79 -11.71 -20.25 22.97
C GLN B 79 -10.33 -20.26 23.62
N PRO B 80 -9.73 -21.42 24.00
CA PRO B 80 -8.40 -21.52 24.58
C PRO B 80 -7.31 -20.79 23.80
N GLU B 81 -7.42 -20.75 22.49
CA GLU B 81 -6.43 -20.06 21.67
C GLU B 81 -6.51 -18.53 21.78
N ASP B 82 -7.55 -18.01 22.43
CA ASP B 82 -7.74 -16.59 22.59
C ASP B 82 -7.18 -16.02 23.87
N PHE B 83 -6.51 -16.81 24.69
CA PHE B 83 -5.97 -16.20 25.90
C PHE B 83 -4.66 -15.53 25.59
N ALA B 84 -4.84 -14.31 25.12
CA ALA B 84 -3.88 -13.37 24.55
C ALA B 84 -4.28 -11.97 24.95
N THR B 85 -3.37 -11.02 24.75
CA THR B 85 -3.70 -9.65 25.03
C THR B 85 -4.31 -9.04 23.80
N TYR B 86 -4.96 -7.92 23.99
CA TYR B 86 -5.58 -7.20 22.89
C TYR B 86 -5.29 -5.72 22.97
N TYR B 87 -5.26 -5.08 21.83
CA TYR B 87 -5.15 -3.64 21.88
C TYR B 87 -5.77 -2.98 20.65
N CYS B 88 -6.13 -1.70 20.82
CA CYS B 88 -6.64 -0.81 19.78
C CYS B 88 -5.67 0.19 19.26
N GLN B 89 -5.77 0.39 17.95
CA GLN B 89 -5.03 1.40 17.26
C GLN B 89 -5.97 2.24 16.43
N GLN B 90 -5.85 3.54 16.54
CA GLN B 90 -6.70 4.42 15.75
C GLN B 90 -5.82 5.06 14.69
N SER B 91 -5.99 4.58 13.45
CA SER B 91 -5.16 4.96 12.34
C SER B 91 -5.60 6.27 11.74
N TYR B 92 -5.50 7.34 12.52
CA TYR B 92 -5.95 8.60 11.98
C TYR B 92 -5.00 9.78 12.22
N SER B 93 -3.76 9.50 12.58
CA SER B 93 -2.79 10.55 12.84
C SER B 93 -1.36 10.07 12.79
N THR B 94 -0.45 11.02 12.83
CA THR B 94 0.98 10.79 12.89
C THR B 94 1.51 11.53 14.09
N PRO B 95 1.83 10.84 15.19
CA PRO B 95 1.85 9.43 15.47
C PRO B 95 0.53 8.74 15.47
N ARG B 96 0.56 7.45 15.19
CA ARG B 96 -0.61 6.62 15.26
C ARG B 96 -0.89 6.47 16.71
N THR B 97 -2.13 6.29 17.10
CA THR B 97 -2.30 6.14 18.52
C THR B 97 -2.67 4.73 18.92
N PHE B 98 -2.06 4.25 19.98
CA PHE B 98 -2.40 2.95 20.51
C PHE B 98 -3.00 3.15 21.88
N GLY B 99 -3.91 2.27 22.26
CA GLY B 99 -4.48 2.33 23.59
C GLY B 99 -3.51 1.65 24.52
N GLN B 100 -3.83 1.61 25.81
CA GLN B 100 -2.93 0.98 26.76
C GLN B 100 -2.91 -0.53 26.67
N GLY B 101 -3.94 -1.10 26.07
CA GLY B 101 -4.05 -2.53 25.90
C GLY B 101 -4.79 -3.19 27.05
N THR B 102 -5.38 -4.34 26.77
CA THR B 102 -6.10 -5.13 27.77
C THR B 102 -5.79 -6.60 27.60
N LYS B 103 -6.32 -7.43 28.47
CA LYS B 103 -6.12 -8.86 28.35
C LYS B 103 -7.32 -9.66 28.74
N VAL B 104 -7.51 -10.81 28.09
CA VAL B 104 -8.56 -11.72 28.52
C VAL B 104 -7.93 -12.79 29.38
N ASP B 105 -8.41 -12.90 30.61
CA ASP B 105 -7.85 -13.78 31.64
C ASP B 105 -8.71 -15.04 31.80
N ILE B 106 -8.31 -15.94 32.69
CA ILE B 106 -9.01 -17.22 32.88
C ILE B 106 -9.54 -17.39 34.31
N LYS B 107 -10.52 -18.30 34.50
CA LYS B 107 -11.06 -18.67 35.82
C LYS B 107 -9.91 -19.18 36.71
N THR C 333 12.90 0.61 -47.42
CA THR C 333 14.11 -0.18 -47.20
C THR C 333 14.69 -0.10 -45.75
N ASN C 334 14.12 0.78 -44.87
CA ASN C 334 14.56 1.03 -43.50
C ASN C 334 13.41 1.07 -42.50
N LEU C 335 13.01 -0.09 -42.02
CA LEU C 335 11.91 -0.18 -41.07
C LEU C 335 12.55 0.07 -39.70
N CYS C 336 11.92 0.92 -38.88
CA CYS C 336 12.37 1.30 -37.56
C CYS C 336 12.04 0.21 -36.54
N PRO C 337 12.52 0.32 -35.28
CA PRO C 337 12.32 -0.64 -34.25
C PRO C 337 10.93 -0.67 -33.64
N PHE C 338 9.94 -1.01 -34.44
CA PHE C 338 8.61 -1.14 -33.88
C PHE C 338 8.72 -2.29 -32.91
N GLY C 339 9.56 -3.25 -33.23
CA GLY C 339 9.75 -4.38 -32.36
C GLY C 339 10.21 -3.93 -30.97
N GLU C 340 10.95 -2.82 -30.84
CA GLU C 340 11.38 -2.37 -29.51
C GLU C 340 10.21 -1.78 -28.75
N VAL C 341 9.30 -1.17 -29.49
CA VAL C 341 8.12 -0.58 -28.90
C VAL C 341 7.18 -1.64 -28.38
N PHE C 342 6.97 -2.66 -29.21
CA PHE C 342 6.07 -3.75 -28.88
C PHE C 342 6.69 -4.87 -28.03
N ASN C 343 7.85 -5.43 -28.45
CA ASN C 343 8.55 -6.52 -27.77
C ASN C 343 9.55 -5.94 -26.76
N ALA C 344 9.02 -5.19 -25.78
CA ALA C 344 9.80 -4.59 -24.71
C ALA C 344 9.89 -5.63 -23.60
N THR C 345 11.03 -5.70 -22.93
CA THR C 345 11.15 -6.63 -21.83
C THR C 345 10.19 -6.22 -20.75
N ARG C 346 10.14 -4.93 -20.53
CA ARG C 346 9.31 -4.33 -19.52
C ARG C 346 8.50 -3.23 -20.14
N PHE C 347 7.30 -3.08 -19.67
CA PHE C 347 6.45 -1.98 -20.03
C PHE C 347 6.31 -1.02 -18.93
N ALA C 348 6.10 0.21 -19.31
CA ALA C 348 5.87 1.26 -18.38
C ALA C 348 4.56 1.09 -17.71
N SER C 349 4.48 1.62 -16.55
CA SER C 349 3.25 1.68 -15.85
C SER C 349 2.55 2.94 -16.30
N VAL C 350 1.24 3.00 -16.15
CA VAL C 350 0.60 4.29 -16.37
C VAL C 350 1.24 5.09 -15.27
N TYR C 351 1.09 6.39 -15.23
CA TYR C 351 1.81 7.19 -14.23
C TYR C 351 3.28 7.43 -14.59
N ALA C 352 3.94 6.48 -15.20
CA ALA C 352 5.36 6.59 -15.50
C ALA C 352 5.63 5.94 -16.85
N TRP C 353 5.11 6.58 -17.90
CA TRP C 353 5.01 6.13 -19.29
C TRP C 353 6.29 6.15 -20.08
N ASN C 354 6.42 5.23 -21.02
CA ASN C 354 7.56 5.28 -21.92
C ASN C 354 7.21 5.94 -23.24
N ARG C 355 7.69 7.16 -23.42
CA ARG C 355 7.46 7.94 -24.63
C ARG C 355 8.61 7.81 -25.62
N LYS C 356 8.35 7.18 -26.76
CA LYS C 356 9.37 7.02 -27.78
C LYS C 356 8.99 7.74 -29.05
N ARG C 357 9.95 8.40 -29.66
CA ARG C 357 9.65 9.04 -30.92
C ARG C 357 10.18 8.22 -32.07
N ILE C 358 9.34 8.06 -33.09
CA ILE C 358 9.67 7.41 -34.32
C ILE C 358 9.72 8.42 -35.46
N SER C 359 10.83 8.43 -36.16
CA SER C 359 11.04 9.31 -37.29
C SER C 359 11.90 8.56 -38.26
N ASN C 360 11.96 8.99 -39.51
CA ASN C 360 12.81 8.29 -40.49
C ASN C 360 12.54 6.76 -40.50
N CYS C 361 11.24 6.36 -40.60
CA CYS C 361 10.75 4.98 -40.52
C CYS C 361 9.77 4.64 -41.64
N VAL C 362 9.92 3.45 -42.21
CA VAL C 362 8.91 2.98 -43.15
C VAL C 362 7.63 2.70 -42.39
N ALA C 363 6.53 3.26 -42.86
CA ALA C 363 5.24 3.08 -42.20
C ALA C 363 4.59 1.79 -42.60
N ASP C 364 5.29 0.71 -42.39
CA ASP C 364 4.72 -0.54 -42.77
C ASP C 364 3.91 -0.99 -41.63
N TYR C 365 2.67 -0.69 -41.69
CA TYR C 365 1.82 -1.04 -40.59
C TYR C 365 1.04 -2.27 -40.85
N SER C 366 1.36 -2.98 -41.94
CA SER C 366 0.67 -4.22 -42.26
C SER C 366 1.13 -5.26 -41.26
N VAL C 367 2.25 -4.95 -40.63
CA VAL C 367 2.87 -5.77 -39.65
C VAL C 367 2.02 -5.79 -38.38
N LEU C 368 1.30 -4.70 -38.09
CA LEU C 368 0.48 -4.69 -36.92
C LEU C 368 -0.91 -5.10 -37.31
N TYR C 369 -1.37 -4.55 -38.43
CA TYR C 369 -2.71 -4.79 -38.92
C TYR C 369 -3.02 -6.26 -39.14
N ASN C 370 -2.11 -7.00 -39.78
CA ASN C 370 -2.36 -8.39 -40.09
C ASN C 370 -1.89 -9.35 -38.99
N SER C 371 -1.47 -8.83 -37.86
CA SER C 371 -1.02 -9.71 -36.81
C SER C 371 -2.16 -10.09 -35.88
N ALA C 372 -2.28 -11.39 -35.67
CA ALA C 372 -3.36 -11.94 -34.85
C ALA C 372 -3.05 -11.87 -33.38
N SER C 373 -1.87 -11.38 -33.03
CA SER C 373 -1.50 -11.30 -31.64
C SER C 373 -2.16 -10.11 -30.99
N PHE C 374 -2.71 -9.20 -31.79
CA PHE C 374 -3.30 -8.01 -31.23
C PHE C 374 -4.80 -8.18 -31.16
N SER C 375 -5.40 -7.56 -30.16
CA SER C 375 -6.85 -7.61 -30.02
C SER C 375 -7.39 -6.28 -30.50
N THR C 376 -7.35 -5.30 -29.64
CA THR C 376 -7.76 -3.97 -30.00
C THR C 376 -6.73 -3.40 -30.96
N PHE C 377 -7.26 -2.79 -32.00
CA PHE C 377 -6.52 -2.07 -33.02
C PHE C 377 -7.53 -1.10 -33.54
N LYS C 378 -7.80 -0.13 -32.71
CA LYS C 378 -8.82 0.83 -33.00
C LYS C 378 -8.17 2.09 -33.52
N CYS C 379 -8.42 2.40 -34.79
CA CYS C 379 -7.85 3.53 -35.50
C CYS C 379 -8.83 4.68 -35.54
N TYR C 380 -8.30 5.83 -35.19
CA TYR C 380 -9.02 7.06 -35.11
C TYR C 380 -8.61 8.04 -36.18
N GLY C 381 -9.49 8.26 -37.13
CA GLY C 381 -9.24 9.21 -38.22
C GLY C 381 -8.38 8.66 -39.33
N VAL C 382 -7.94 7.44 -39.18
CA VAL C 382 -7.07 6.84 -40.14
C VAL C 382 -7.48 5.42 -40.47
N SER C 383 -7.45 5.07 -41.72
CA SER C 383 -7.78 3.71 -42.07
C SER C 383 -6.64 2.78 -41.61
N PRO C 384 -6.92 1.64 -40.94
CA PRO C 384 -5.98 0.66 -40.42
C PRO C 384 -5.19 -0.05 -41.50
N THR C 385 -5.71 0.00 -42.73
CA THR C 385 -5.10 -0.67 -43.86
C THR C 385 -4.17 0.26 -44.64
N LYS C 386 -4.18 1.53 -44.29
CA LYS C 386 -3.33 2.52 -44.96
C LYS C 386 -2.26 3.16 -44.04
N LEU C 387 -2.62 3.34 -42.74
CA LEU C 387 -1.89 3.95 -41.61
C LEU C 387 -0.43 4.35 -41.89
N VAL C 395 5.90 9.86 -35.57
CA VAL C 395 4.94 9.09 -34.79
C VAL C 395 5.41 9.03 -33.32
N TYR C 396 4.47 9.20 -32.38
CA TYR C 396 4.72 9.12 -30.95
C TYR C 396 4.19 7.83 -30.44
N ALA C 397 5.06 7.00 -29.93
CA ALA C 397 4.66 5.71 -29.44
C ALA C 397 4.67 5.70 -27.94
N ASP C 398 3.47 5.77 -27.35
CA ASP C 398 3.36 5.81 -25.90
C ASP C 398 2.96 4.47 -25.34
N SER C 399 3.86 3.84 -24.60
CA SER C 399 3.52 2.51 -24.11
C SER C 399 3.37 2.44 -22.60
N PHE C 400 2.42 1.59 -22.18
CA PHE C 400 2.12 1.31 -20.78
C PHE C 400 1.28 0.04 -20.52
N VAL C 401 1.22 -0.41 -19.25
CA VAL C 401 0.31 -1.51 -18.87
C VAL C 401 -0.93 -1.04 -18.10
N ILE C 402 -2.08 -1.50 -18.59
CA ILE C 402 -3.39 -1.15 -18.06
C ILE C 402 -4.20 -2.43 -17.77
N ARG C 403 -5.09 -2.42 -16.78
CA ARG C 403 -5.94 -3.60 -16.58
C ARG C 403 -7.07 -3.59 -17.62
N GLY C 404 -7.60 -4.77 -17.97
CA GLY C 404 -8.59 -4.96 -19.03
C GLY C 404 -9.86 -4.12 -19.00
N ASP C 405 -10.44 -3.85 -17.86
CA ASP C 405 -11.68 -3.05 -17.86
C ASP C 405 -11.46 -1.64 -18.32
N GLU C 406 -10.23 -1.19 -18.19
CA GLU C 406 -9.85 0.17 -18.45
C GLU C 406 -9.28 0.33 -19.85
N VAL C 407 -9.23 -0.73 -20.63
CA VAL C 407 -8.65 -0.59 -21.96
C VAL C 407 -9.44 0.39 -22.79
N ARG C 408 -10.76 0.38 -22.66
CA ARG C 408 -11.62 1.27 -23.44
C ARG C 408 -11.42 2.73 -23.09
N GLN C 409 -10.72 3.03 -22.00
CA GLN C 409 -10.50 4.41 -21.64
C GLN C 409 -9.41 5.04 -22.47
N ILE C 410 -8.60 4.25 -23.17
CA ILE C 410 -7.56 4.87 -23.95
C ILE C 410 -8.15 5.23 -25.28
N ALA C 411 -8.84 6.35 -25.28
CA ALA C 411 -9.57 6.84 -26.40
C ALA C 411 -10.00 8.28 -26.14
N PRO C 412 -10.24 9.08 -27.18
CA PRO C 412 -10.77 10.40 -27.07
C PRO C 412 -12.17 10.25 -26.58
N GLY C 413 -12.62 11.21 -25.77
CA GLY C 413 -14.00 11.20 -25.30
C GLY C 413 -14.24 10.34 -24.07
N GLN C 414 -13.21 9.68 -23.55
CA GLN C 414 -13.42 8.82 -22.40
C GLN C 414 -13.16 9.48 -21.07
N THR C 415 -13.78 8.89 -20.04
CA THR C 415 -13.61 9.29 -18.64
C THR C 415 -13.28 8.07 -17.81
N GLY C 416 -12.83 8.27 -16.58
CA GLY C 416 -12.53 7.15 -15.71
C GLY C 416 -11.19 7.32 -15.00
N LYS C 417 -10.81 6.34 -14.20
CA LYS C 417 -9.59 6.50 -13.43
C LYS C 417 -8.37 6.73 -14.32
N ILE C 418 -8.31 6.08 -15.47
CA ILE C 418 -7.14 6.27 -16.27
C ILE C 418 -7.34 7.45 -17.16
N ALA C 419 -8.48 7.53 -17.82
CA ALA C 419 -8.68 8.63 -18.74
C ALA C 419 -8.58 9.99 -18.05
N ASP C 420 -9.01 10.10 -16.80
CA ASP C 420 -8.97 11.39 -16.15
C ASP C 420 -7.74 11.67 -15.28
N TYR C 421 -7.14 10.66 -14.64
CA TYR C 421 -6.02 10.96 -13.75
C TYR C 421 -4.67 10.44 -14.19
N ASN C 422 -4.63 9.63 -15.23
CA ASN C 422 -3.36 9.07 -15.64
C ASN C 422 -3.01 9.50 -17.04
N TYR C 423 -3.77 9.03 -18.01
CA TYR C 423 -3.49 9.33 -19.39
C TYR C 423 -4.70 9.84 -20.12
N LYS C 424 -4.71 11.13 -20.37
CA LYS C 424 -5.82 11.73 -21.07
C LYS C 424 -5.49 11.83 -22.54
N LEU C 425 -6.39 11.36 -23.40
CA LEU C 425 -6.14 11.42 -24.81
C LEU C 425 -7.08 12.48 -25.41
N PRO C 426 -6.68 13.31 -26.44
CA PRO C 426 -7.51 14.32 -27.10
C PRO C 426 -8.34 13.73 -28.23
N PHE C 429 -7.86 11.97 -31.03
CA PHE C 429 -6.52 12.22 -31.56
C PHE C 429 -6.54 11.51 -32.93
N THR C 430 -5.40 11.56 -33.68
CA THR C 430 -5.25 10.84 -34.95
C THR C 430 -4.15 9.83 -34.78
N GLY C 431 -4.49 8.59 -35.08
CA GLY C 431 -3.56 7.49 -34.91
C GLY C 431 -4.34 6.28 -34.44
N CYS C 432 -3.67 5.25 -33.90
CA CYS C 432 -4.33 4.00 -33.49
C CYS C 432 -3.92 3.58 -32.09
N VAL C 433 -4.87 2.96 -31.41
CA VAL C 433 -4.60 2.37 -30.12
C VAL C 433 -4.55 0.88 -30.32
N ILE C 434 -3.40 0.32 -30.02
CA ILE C 434 -3.20 -1.07 -30.22
C ILE C 434 -2.93 -1.74 -28.90
N ALA C 435 -3.56 -2.87 -28.66
CA ALA C 435 -3.34 -3.52 -27.38
C ALA C 435 -3.40 -5.01 -27.49
N TRP C 436 -2.74 -5.66 -26.55
CA TRP C 436 -2.79 -7.09 -26.51
C TRP C 436 -2.73 -7.61 -25.08
N ASN C 437 -3.25 -8.80 -24.90
CA ASN C 437 -3.31 -9.47 -23.61
C ASN C 437 -1.95 -10.01 -23.27
N SER C 438 -1.40 -9.55 -22.16
CA SER C 438 -0.06 -9.89 -21.73
C SER C 438 -0.06 -10.75 -20.50
N ASN C 439 -1.16 -11.42 -20.22
CA ASN C 439 -1.26 -12.24 -19.02
C ASN C 439 -0.12 -13.22 -18.86
N ASN C 440 0.36 -13.80 -19.93
CA ASN C 440 1.42 -14.78 -19.78
C ASN C 440 2.79 -14.15 -19.60
N LEU C 441 2.87 -12.83 -19.66
CA LEU C 441 4.13 -12.14 -19.51
C LEU C 441 4.21 -11.38 -18.20
N ASP C 442 3.12 -10.72 -17.86
CA ASP C 442 2.99 -9.87 -16.67
C ASP C 442 2.35 -10.53 -15.44
N SER C 443 1.53 -11.56 -15.59
CA SER C 443 0.85 -12.05 -14.41
C SER C 443 1.67 -13.08 -13.66
N LYS C 444 2.33 -12.61 -12.63
CA LYS C 444 3.24 -13.42 -11.82
C LYS C 444 2.53 -14.07 -10.64
N VAL C 445 3.10 -15.15 -10.15
CA VAL C 445 2.51 -15.86 -9.04
C VAL C 445 2.69 -15.07 -7.76
N GLY C 446 1.58 -14.87 -7.06
CA GLY C 446 1.57 -14.10 -5.83
C GLY C 446 1.17 -12.66 -6.14
N GLY C 447 1.15 -12.34 -7.43
CA GLY C 447 0.81 -11.04 -7.94
C GLY C 447 2.04 -10.27 -8.40
N ASN C 448 1.90 -9.63 -9.54
CA ASN C 448 2.94 -8.80 -10.12
C ASN C 448 2.68 -7.39 -9.70
N TYR C 449 3.48 -6.87 -8.78
CA TYR C 449 3.19 -5.55 -8.27
C TYR C 449 4.26 -4.56 -8.62
N ASN C 450 4.40 -4.36 -9.92
CA ASN C 450 5.33 -3.41 -10.48
C ASN C 450 4.60 -2.36 -11.29
N TYR C 451 3.28 -2.33 -11.15
CA TYR C 451 2.48 -1.36 -11.88
C TYR C 451 1.72 -0.54 -10.87
N LEU C 452 1.58 0.74 -11.17
CA LEU C 452 1.00 1.72 -10.26
C LEU C 452 0.15 2.75 -11.00
N TYR C 453 -1.04 3.07 -10.50
CA TYR C 453 -1.84 4.08 -11.19
C TYR C 453 -2.38 5.14 -10.25
N ARG C 454 -2.60 6.34 -10.77
CA ARG C 454 -3.08 7.40 -9.93
C ARG C 454 -4.56 7.26 -9.69
N LEU C 455 -4.94 7.35 -8.42
CA LEU C 455 -6.33 7.28 -8.01
C LEU C 455 -6.84 8.61 -7.52
N PHE C 456 -6.00 9.35 -6.82
CA PHE C 456 -6.45 10.60 -6.27
C PHE C 456 -5.76 11.75 -6.94
N ARG C 457 -6.55 12.64 -7.50
CA ARG C 457 -5.95 13.76 -8.19
C ARG C 457 -6.73 15.04 -7.94
N LYS C 458 -5.99 16.14 -7.85
CA LYS C 458 -6.52 17.48 -7.64
C LYS C 458 -7.38 18.02 -8.78
N SER C 459 -7.03 17.67 -10.00
CA SER C 459 -7.75 18.15 -11.18
C SER C 459 -7.71 17.15 -12.33
N ASN C 460 -8.64 17.29 -13.26
CA ASN C 460 -8.70 16.46 -14.46
C ASN C 460 -7.51 16.77 -15.35
N LEU C 461 -6.86 15.75 -15.91
CA LEU C 461 -5.70 15.97 -16.77
C LEU C 461 -5.98 16.56 -18.13
N LYS C 462 -5.01 17.29 -18.64
CA LYS C 462 -5.10 17.81 -19.98
C LYS C 462 -4.50 16.75 -20.91
N PRO C 463 -4.81 16.73 -22.20
CA PRO C 463 -4.31 15.75 -23.13
C PRO C 463 -2.81 15.67 -23.10
N PHE C 464 -2.31 14.45 -23.04
CA PHE C 464 -0.90 14.10 -22.98
C PHE C 464 -0.14 14.69 -21.80
N GLU C 465 -0.85 15.12 -20.77
CA GLU C 465 -0.19 15.58 -19.58
C GLU C 465 0.31 14.34 -18.88
N ARG C 466 1.53 14.40 -18.40
CA ARG C 466 2.11 13.29 -17.68
C ARG C 466 2.58 13.73 -16.32
N ASP C 467 1.76 13.45 -15.32
CA ASP C 467 2.09 13.84 -13.96
C ASP C 467 2.74 12.67 -13.26
N ILE C 468 4.03 12.81 -13.04
CA ILE C 468 4.85 11.73 -12.51
C ILE C 468 5.27 12.01 -11.07
N SER C 469 4.63 12.98 -10.44
CA SER C 469 4.95 13.35 -9.06
C SER C 469 4.34 12.40 -8.05
N THR C 470 4.78 12.54 -6.80
CA THR C 470 4.30 11.79 -5.64
C THR C 470 3.62 12.67 -4.61
N GLU C 471 3.28 13.89 -5.01
CA GLU C 471 2.66 14.86 -4.11
C GLU C 471 1.36 14.35 -3.51
N ILE C 472 1.23 14.53 -2.21
CA ILE C 472 0.08 14.05 -1.46
C ILE C 472 -1.22 14.77 -1.77
N TYR C 473 -2.29 13.98 -1.96
CA TYR C 473 -3.60 14.47 -2.25
C TYR C 473 -4.18 15.04 -0.98
N GLN C 474 -4.72 16.23 -1.06
CA GLN C 474 -5.14 16.90 0.14
C GLN C 474 -6.50 16.58 0.69
N ALA C 475 -7.32 15.84 -0.04
CA ALA C 475 -8.71 15.47 0.32
C ALA C 475 -9.64 16.69 0.30
N GLY C 476 -9.30 17.74 1.03
CA GLY C 476 -10.03 19.00 1.03
C GLY C 476 -10.46 19.55 2.39
N SER C 477 -10.40 18.77 3.48
CA SER C 477 -10.85 19.32 4.78
C SER C 477 -9.79 20.14 5.52
N THR C 478 -8.52 19.88 5.25
CA THR C 478 -7.42 20.56 5.91
C THR C 478 -6.12 20.20 5.18
N PRO C 479 -5.09 21.06 5.12
CA PRO C 479 -3.78 20.71 4.59
C PRO C 479 -3.20 19.53 5.37
N CYS C 480 -2.57 18.59 4.64
CA CYS C 480 -1.95 17.37 5.16
C CYS C 480 -0.69 17.66 5.99
N ASN C 481 0.11 18.60 5.54
CA ASN C 481 1.33 18.95 6.25
C ASN C 481 2.23 17.74 6.51
N GLY C 482 2.32 16.81 5.55
CA GLY C 482 3.17 15.63 5.67
C GLY C 482 2.54 14.42 6.36
N VAL C 483 1.30 14.56 6.85
CA VAL C 483 0.62 13.48 7.55
C VAL C 483 0.34 12.36 6.57
N GLU C 484 0.31 11.14 7.09
CA GLU C 484 0.00 9.97 6.31
C GLU C 484 -1.47 10.05 5.92
N GLY C 485 -1.96 9.08 5.17
CA GLY C 485 -3.26 9.22 4.55
C GLY C 485 -4.55 9.14 5.38
N PHE C 486 -4.74 10.03 6.32
CA PHE C 486 -5.93 10.00 7.16
C PHE C 486 -6.86 11.12 6.75
N ASN C 487 -7.84 10.79 5.91
CA ASN C 487 -8.63 11.84 5.21
C ASN C 487 -7.67 12.86 4.54
N CYS C 488 -6.63 12.28 3.90
CA CYS C 488 -5.46 12.79 3.20
C CYS C 488 -5.02 11.59 2.38
N TYR C 489 -4.61 11.71 1.13
CA TYR C 489 -4.26 10.45 0.47
C TYR C 489 -2.97 10.37 -0.30
N PHE C 490 -2.35 9.21 -0.21
CA PHE C 490 -1.23 8.94 -1.05
C PHE C 490 -1.85 8.81 -2.43
N PRO C 491 -1.38 9.53 -3.45
CA PRO C 491 -2.00 9.59 -4.75
C PRO C 491 -2.16 8.32 -5.59
N LEU C 492 -1.34 7.31 -5.39
CA LEU C 492 -1.45 6.15 -6.27
C LEU C 492 -1.69 4.84 -5.58
N GLN C 493 -2.37 3.96 -6.30
CA GLN C 493 -2.62 2.61 -5.82
C GLN C 493 -1.94 1.66 -6.73
N SER C 494 -1.43 0.57 -6.19
CA SER C 494 -0.81 -0.38 -7.06
C SER C 494 -1.85 -1.27 -7.63
N TYR C 495 -1.50 -1.98 -8.67
CA TYR C 495 -2.42 -2.95 -9.18
C TYR C 495 -1.68 -4.22 -9.45
N GLY C 496 -2.05 -5.30 -8.77
CA GLY C 496 -1.35 -6.52 -9.04
C GLY C 496 -2.03 -7.34 -10.11
N PHE C 497 -1.23 -8.00 -10.92
CA PHE C 497 -1.79 -8.92 -11.91
C PHE C 497 -1.43 -10.32 -11.48
N GLN C 498 -2.28 -11.29 -11.73
CA GLN C 498 -1.95 -12.66 -11.31
C GLN C 498 -2.58 -13.69 -12.26
N PRO C 499 -2.08 -14.93 -12.33
CA PRO C 499 -2.60 -16.01 -13.16
C PRO C 499 -4.10 -16.27 -13.06
N THR C 500 -4.71 -16.06 -11.89
CA THR C 500 -6.15 -16.31 -11.84
C THR C 500 -6.91 -15.00 -11.79
N ASN C 501 -7.56 -14.70 -12.90
CA ASN C 501 -8.29 -13.47 -13.09
C ASN C 501 -9.40 -13.54 -14.13
N GLY C 502 -10.37 -12.64 -14.01
CA GLY C 502 -11.40 -12.49 -15.04
C GLY C 502 -10.84 -11.62 -16.14
N VAL C 503 -11.63 -11.34 -17.17
CA VAL C 503 -11.12 -10.58 -18.31
C VAL C 503 -10.67 -9.17 -17.97
N GLY C 504 -11.44 -8.50 -17.15
CA GLY C 504 -11.18 -7.12 -16.80
C GLY C 504 -9.94 -6.93 -15.95
N TYR C 505 -9.43 -8.04 -15.44
CA TYR C 505 -8.32 -8.03 -14.55
C TYR C 505 -7.07 -8.54 -15.24
N GLN C 506 -7.15 -8.78 -16.55
CA GLN C 506 -5.97 -9.25 -17.25
C GLN C 506 -5.17 -8.01 -17.53
N PRO C 507 -3.85 -8.07 -17.56
CA PRO C 507 -3.03 -6.98 -17.99
C PRO C 507 -3.07 -6.87 -19.47
N TYR C 508 -3.00 -5.64 -19.94
CA TYR C 508 -2.84 -5.37 -21.34
C TYR C 508 -1.72 -4.43 -21.57
N ARG C 509 -0.98 -4.74 -22.60
CA ARG C 509 0.07 -3.88 -23.03
C ARG C 509 -0.53 -3.02 -24.08
N VAL C 510 -0.45 -1.73 -23.85
CA VAL C 510 -1.05 -0.78 -24.74
C VAL C 510 -0.04 0.14 -25.31
N VAL C 511 -0.11 0.30 -26.61
CA VAL C 511 0.74 1.23 -27.30
C VAL C 511 -0.14 2.20 -28.06
N VAL C 512 0.07 3.47 -27.82
CA VAL C 512 -0.69 4.42 -28.58
C VAL C 512 0.20 5.06 -29.60
N LEU C 513 -0.15 4.90 -30.86
CA LEU C 513 0.68 5.46 -31.91
C LEU C 513 -0.02 6.68 -32.44
N SER C 514 0.50 7.84 -32.06
CA SER C 514 -0.09 9.12 -32.44
C SER C 514 0.66 9.72 -33.64
N PHE C 515 -0.09 10.12 -34.68
CA PHE C 515 0.41 10.63 -35.97
C PHE C 515 0.14 12.11 -36.07
#